data_8OJX
#
_entry.id   8OJX
#
_cell.length_a   57.552
_cell.length_b   57.552
_cell.length_c   183.993
_cell.angle_alpha   90
_cell.angle_beta   90
_cell.angle_gamma   90
#
_symmetry.space_group_name_H-M   'I 41 2 2'
#
loop_
_entity.id
_entity.type
_entity.pdbx_description
1 polymer Streptavidin
2 non-polymer trichloro{(1,2,3,4,5-eta)-1,2,3,4-tetramethyl-5-[2-({5-[(3aS,4S,6aR)-2-oxohexahydro-1H-thieno[3,4-d]imidazol-4-yl]pentanoyl}amino)ethyl]cyclopentadienyl}rhodium(1+)
3 non-polymer 'IRIDIUM ION'
4 water water
#
_entity_poly.entity_id   1
_entity_poly.type   'polypeptide(L)'
_entity_poly.pdbx_seq_one_letter_code
;DEAGITGTWYNQLGSTFIVTAGADGALTGTYESAVGNAESRYVLTGRYDSAPATDGSGTALGWTVAWKNNYRNAHSATTW
SGQYVGGAEARINTQWLLTYGTTEANAWESTLVGHDTFTKVK
;
_entity_poly.pdbx_strand_id   A
#
# COMPACT_ATOMS: atom_id res chain seq x y z
N ASP A 1 -12.97 -7.71 8.66
CA ASP A 1 -12.57 -6.32 8.31
C ASP A 1 -12.66 -6.06 6.81
N GLU A 2 -13.34 -6.94 6.06
CA GLU A 2 -13.57 -6.66 4.66
C GLU A 2 -14.17 -5.25 4.48
N ALA A 3 -15.28 -4.96 5.19
CA ALA A 3 -15.93 -3.67 5.11
C ALA A 3 -15.04 -2.53 5.61
N GLY A 4 -14.28 -2.82 6.68
CA GLY A 4 -13.45 -1.79 7.27
C GLY A 4 -12.33 -1.36 6.32
N ILE A 5 -11.74 -2.32 5.60
CA ILE A 5 -10.58 -2.03 4.76
C ILE A 5 -10.99 -1.42 3.41
N THR A 6 -12.10 -1.91 2.85
CA THR A 6 -12.50 -1.52 1.51
C THR A 6 -12.84 -0.04 1.50
N GLY A 7 -12.33 0.66 0.50
CA GLY A 7 -12.57 2.08 0.41
C GLY A 7 -11.37 2.88 -0.05
N THR A 8 -11.49 4.19 0.19
CA THR A 8 -10.48 5.13 -0.21
C THR A 8 -9.70 5.59 1.02
N TRP A 9 -8.36 5.51 0.96
CA TRP A 9 -7.48 5.91 2.02
C TRP A 9 -6.48 6.95 1.54
N TYR A 10 -6.00 7.80 2.47
CA TYR A 10 -5.05 8.84 2.17
C TYR A 10 -3.88 8.80 3.15
N ASN A 11 -2.65 9.03 2.66
CA ASN A 11 -1.53 9.03 3.58
C ASN A 11 -1.09 10.46 3.85
N GLN A 12 0.00 10.59 4.61
CA GLN A 12 0.53 11.89 5.04
C GLN A 12 1.15 12.69 3.91
N LEU A 13 1.45 12.05 2.77
CA LEU A 13 2.03 12.70 1.62
C LEU A 13 0.95 13.25 0.70
N GLY A 14 -0.30 12.84 0.94
CA GLY A 14 -1.37 13.21 0.02
C GLY A 14 -1.63 12.17 -1.06
N SER A 15 -1.01 10.98 -0.95
CA SER A 15 -1.32 9.89 -1.86
C SER A 15 -2.68 9.28 -1.57
N THR A 16 -3.26 8.62 -2.59
CA THR A 16 -4.60 8.04 -2.57
C THR A 16 -4.50 6.57 -2.86
N PHE A 17 -4.98 5.77 -1.91
CA PHE A 17 -5.02 4.32 -2.01
C PHE A 17 -6.49 3.90 -2.06
N ILE A 18 -6.90 3.31 -3.19
CA ILE A 18 -8.25 2.84 -3.40
C ILE A 18 -8.24 1.32 -3.44
N VAL A 19 -8.89 0.68 -2.47
CA VAL A 19 -8.78 -0.77 -2.29
C VAL A 19 -10.13 -1.45 -2.09
N THR A 20 -10.24 -2.67 -2.64
CA THR A 20 -11.31 -3.59 -2.30
C THR A 20 -10.70 -4.81 -1.63
N ALA A 21 -11.26 -5.15 -0.47
CA ALA A 21 -10.87 -6.35 0.25
C ALA A 21 -11.88 -7.45 -0.07
N GLY A 22 -11.40 -8.57 -0.59
CA GLY A 22 -12.25 -9.73 -0.89
C GLY A 22 -12.41 -10.68 0.30
N ALA A 23 -13.44 -11.56 0.25
CA ALA A 23 -13.78 -12.39 1.41
C ALA A 23 -12.68 -13.41 1.71
N ASP A 24 -11.90 -13.68 0.67
CA ASP A 24 -10.88 -14.70 0.58
C ASP A 24 -9.50 -14.16 0.99
N GLY A 25 -9.38 -12.86 1.31
CA GLY A 25 -8.06 -12.35 1.68
C GLY A 25 -7.40 -11.50 0.58
N ALA A 26 -8.06 -11.31 -0.58
CA ALA A 26 -7.46 -10.52 -1.65
C ALA A 26 -7.59 -9.01 -1.40
N LEU A 27 -6.58 -8.26 -1.83
CA LEU A 27 -6.63 -6.81 -1.99
C LEU A 27 -6.40 -6.47 -3.45
N THR A 28 -7.33 -5.64 -3.96
N THR A 28 -7.26 -5.62 -4.00
CA THR A 28 -7.50 -5.18 -5.34
CA THR A 28 -7.14 -5.18 -5.38
C THR A 28 -7.51 -3.65 -5.28
C THR A 28 -7.60 -3.73 -5.44
N GLY A 29 -6.90 -2.92 -6.23
CA GLY A 29 -7.22 -1.51 -6.35
C GLY A 29 -6.22 -0.72 -7.16
N THR A 30 -6.15 0.55 -6.81
CA THR A 30 -5.29 1.50 -7.51
C THR A 30 -4.60 2.39 -6.48
N TYR A 31 -3.43 2.90 -6.85
CA TYR A 31 -2.66 3.80 -6.00
C TYR A 31 -2.25 4.98 -6.86
N GLU A 32 -2.34 6.17 -6.26
CA GLU A 32 -1.89 7.40 -6.89
C GLU A 32 -0.95 8.08 -5.90
N SER A 33 0.32 8.21 -6.28
CA SER A 33 1.31 8.84 -5.41
C SER A 33 1.34 10.33 -5.64
N ALA A 34 1.33 11.08 -4.55
CA ALA A 34 1.55 12.52 -4.60
C ALA A 34 3.01 12.92 -4.84
N VAL A 35 3.97 11.99 -4.74
CA VAL A 35 5.38 12.28 -4.87
C VAL A 35 6.07 11.26 -5.76
N GLY A 36 7.30 11.59 -6.17
CA GLY A 36 8.10 10.63 -6.91
C GLY A 36 7.83 10.67 -8.41
N ASN A 37 8.39 9.65 -9.07
CA ASN A 37 8.31 9.51 -10.52
C ASN A 37 7.02 8.77 -10.85
N ALA A 38 5.90 9.49 -10.74
CA ALA A 38 4.58 8.89 -10.75
C ALA A 38 3.56 9.89 -11.21
N GLU A 39 2.62 9.40 -12.01
CA GLU A 39 1.48 10.18 -12.41
C GLU A 39 0.27 9.27 -12.61
N SER A 40 -0.87 9.74 -12.09
CA SER A 40 -2.17 9.09 -12.22
C SER A 40 -2.16 7.78 -11.45
N ARG A 41 -3.02 6.84 -11.80
CA ARG A 41 -3.23 5.65 -11.02
C ARG A 41 -2.38 4.50 -11.53
N TYR A 42 -1.99 3.62 -10.57
CA TYR A 42 -1.26 2.40 -10.81
C TYR A 42 -2.00 1.22 -10.18
N VAL A 43 -1.95 0.08 -10.84
CA VAL A 43 -2.54 -1.13 -10.29
C VAL A 43 -1.85 -1.52 -9.00
N LEU A 44 -2.65 -1.96 -8.04
CA LEU A 44 -2.10 -2.62 -6.86
C LEU A 44 -2.82 -3.93 -6.60
N THR A 45 -2.08 -4.86 -6.01
CA THR A 45 -2.67 -6.08 -5.49
C THR A 45 -1.98 -6.42 -4.19
N GLY A 46 -2.71 -7.13 -3.35
CA GLY A 46 -2.12 -7.57 -2.10
C GLY A 46 -2.97 -8.59 -1.38
N ARG A 47 -2.69 -8.76 -0.09
CA ARG A 47 -3.37 -9.78 0.74
C ARG A 47 -3.59 -9.23 2.15
N TYR A 48 -4.61 -9.75 2.86
CA TYR A 48 -4.84 -9.38 4.23
C TYR A 48 -5.31 -10.64 4.96
N ASP A 49 -5.10 -10.63 6.27
CA ASP A 49 -5.64 -11.63 7.19
C ASP A 49 -7.16 -11.47 7.31
N SER A 50 -7.90 -12.41 6.70
CA SER A 50 -9.36 -12.33 6.63
C SER A 50 -10.03 -12.96 7.86
N ALA A 51 -9.25 -13.45 8.83
CA ALA A 51 -9.81 -13.95 10.09
C ALA A 51 -8.88 -13.53 11.23
N PRO A 52 -8.77 -12.22 11.52
CA PRO A 52 -7.77 -11.75 12.49
C PRO A 52 -8.15 -12.08 13.93
N ALA A 53 -7.20 -11.91 14.86
CA ALA A 53 -7.45 -12.21 16.26
C ALA A 53 -8.55 -11.26 16.73
N THR A 54 -9.31 -11.65 17.77
CA THR A 54 -10.39 -10.79 18.26
C THR A 54 -10.04 -10.29 19.67
N ASP A 55 -8.74 -10.17 19.93
CA ASP A 55 -8.20 -9.68 21.18
C ASP A 55 -7.82 -8.21 21.07
N GLY A 56 -8.42 -7.48 20.11
CA GLY A 56 -8.11 -6.08 19.89
C GLY A 56 -6.82 -5.87 19.06
N SER A 57 -6.21 -6.94 18.55
CA SER A 57 -5.06 -6.78 17.67
C SER A 57 -5.47 -6.19 16.32
N GLY A 58 -4.53 -5.51 15.65
CA GLY A 58 -4.69 -5.09 14.27
C GLY A 58 -4.75 -6.29 13.33
N THR A 59 -5.07 -5.99 12.08
CA THR A 59 -5.22 -6.93 10.99
C THR A 59 -4.03 -6.76 10.05
N ALA A 60 -3.20 -7.82 9.91
CA ALA A 60 -2.02 -7.72 9.07
C ALA A 60 -2.41 -7.72 7.60
N LEU A 61 -1.67 -6.92 6.79
CA LEU A 61 -1.93 -6.83 5.39
C LEU A 61 -0.68 -6.31 4.68
N GLY A 62 -0.68 -6.50 3.35
CA GLY A 62 0.34 -5.90 2.53
C GLY A 62 -0.10 -5.79 1.10
N TRP A 63 0.57 -4.91 0.35
CA TRP A 63 0.28 -4.78 -1.06
C TRP A 63 1.48 -4.23 -1.82
N THR A 64 1.42 -4.43 -3.16
CA THR A 64 2.48 -4.06 -4.09
C THR A 64 1.91 -3.14 -5.16
N VAL A 65 2.71 -2.14 -5.56
CA VAL A 65 2.54 -1.32 -6.77
C VAL A 65 3.81 -1.44 -7.58
N ALA A 66 3.72 -1.84 -8.85
CA ALA A 66 4.81 -1.61 -9.80
C ALA A 66 4.54 -0.30 -10.52
N TRP A 67 5.55 0.54 -10.61
CA TRP A 67 5.38 1.93 -11.01
C TRP A 67 5.43 2.10 -12.53
N LYS A 68 4.66 1.26 -13.19
CA LYS A 68 4.45 1.35 -14.64
C LYS A 68 2.96 1.44 -14.87
N ASN A 69 2.59 2.44 -15.67
CA ASN A 69 1.23 2.58 -16.15
C ASN A 69 1.33 3.13 -17.59
N ASN A 70 0.20 3.59 -18.12
CA ASN A 70 0.22 4.08 -19.50
C ASN A 70 0.92 5.41 -19.67
N TYR A 71 1.25 6.09 -18.58
CA TYR A 71 1.89 7.39 -18.65
C TYR A 71 3.39 7.36 -18.40
N ARG A 72 3.84 6.50 -17.47
CA ARG A 72 5.21 6.50 -17.01
C ARG A 72 5.64 5.11 -16.60
N ASN A 73 6.96 4.93 -16.65
CA ASN A 73 7.55 3.72 -16.11
C ASN A 73 8.80 4.15 -15.32
N ALA A 74 8.70 4.01 -13.98
CA ALA A 74 9.79 4.37 -13.09
C ALA A 74 10.68 3.18 -12.75
N HIS A 75 10.46 2.00 -13.36
CA HIS A 75 11.30 0.84 -13.22
C HIS A 75 11.58 0.57 -11.75
N SER A 76 10.46 0.45 -11.04
CA SER A 76 10.51 0.31 -9.59
C SER A 76 9.20 -0.28 -9.09
N ALA A 77 9.24 -0.77 -7.85
CA ALA A 77 8.07 -1.33 -7.23
C ALA A 77 8.15 -1.01 -5.73
N THR A 78 7.00 -0.69 -5.13
CA THR A 78 6.92 -0.51 -3.70
C THR A 78 6.04 -1.60 -3.11
N THR A 79 6.42 -2.12 -1.94
CA THR A 79 5.55 -2.96 -1.13
C THR A 79 5.33 -2.29 0.20
N TRP A 80 4.06 -2.29 0.64
CA TRP A 80 3.68 -1.84 1.97
C TRP A 80 3.28 -3.04 2.80
N SER A 81 3.78 -3.08 4.02
CA SER A 81 3.50 -4.12 5.01
C SER A 81 3.02 -3.43 6.27
N GLY A 82 1.88 -3.88 6.82
CA GLY A 82 1.36 -3.14 7.96
C GLY A 82 0.11 -3.79 8.56
N GLN A 83 -0.60 -2.98 9.33
CA GLN A 83 -1.81 -3.49 9.95
C GLN A 83 -2.87 -2.42 9.89
N TYR A 84 -4.10 -2.91 9.69
CA TYR A 84 -5.31 -2.13 9.77
C TYR A 84 -5.83 -2.14 11.21
N VAL A 85 -6.14 -0.93 11.71
CA VAL A 85 -6.70 -0.72 13.04
C VAL A 85 -8.07 -0.08 12.87
N GLY A 86 -9.14 -0.76 13.28
CA GLY A 86 -10.48 -0.24 13.07
C GLY A 86 -10.85 0.80 14.14
N GLY A 87 -12.07 1.31 14.09
CA GLY A 87 -12.57 2.24 15.10
C GLY A 87 -12.83 3.62 14.49
N ALA A 88 -13.13 4.59 15.36
CA ALA A 88 -13.65 5.89 14.94
C ALA A 88 -12.68 6.56 14.00
N GLU A 89 -11.39 6.48 14.35
CA GLU A 89 -10.31 6.96 13.52
C GLU A 89 -9.52 5.74 13.00
N ALA A 90 -10.12 5.02 12.06
CA ALA A 90 -9.46 3.88 11.45
C ALA A 90 -8.15 4.33 10.82
N ARG A 91 -7.19 3.39 10.86
CA ARG A 91 -5.86 3.68 10.32
C ARG A 91 -5.30 2.40 9.70
N ILE A 92 -4.52 2.58 8.64
CA ILE A 92 -3.58 1.52 8.24
C ILE A 92 -2.17 2.06 8.44
N ASN A 93 -1.42 1.42 9.32
CA ASN A 93 -0.05 1.83 9.65
C ASN A 93 0.89 0.87 8.93
N THR A 94 1.76 1.43 8.11
CA THR A 94 2.64 0.64 7.23
C THR A 94 4.10 1.07 7.29
N GLN A 95 4.95 0.10 6.97
N GLN A 95 4.94 0.07 7.00
CA GLN A 95 6.28 0.41 6.50
CA GLN A 95 6.32 0.25 6.58
C GLN A 95 6.44 -0.18 5.11
C GLN A 95 6.36 -0.09 5.08
N TRP A 96 7.29 0.48 4.31
CA TRP A 96 7.39 0.14 2.90
C TRP A 96 8.81 0.00 2.43
N LEU A 97 8.98 -0.76 1.33
CA LEU A 97 10.24 -0.97 0.65
C LEU A 97 10.02 -0.64 -0.82
N LEU A 98 10.79 0.28 -1.34
CA LEU A 98 10.74 0.66 -2.75
C LEU A 98 12.04 0.22 -3.41
N THR A 99 11.95 -0.77 -4.32
CA THR A 99 13.13 -1.21 -5.03
C THR A 99 13.10 -0.70 -6.46
N TYR A 100 14.24 -0.20 -6.95
CA TYR A 100 14.30 0.14 -8.35
C TYR A 100 15.27 -0.79 -9.04
N GLY A 101 15.02 -1.02 -10.33
CA GLY A 101 15.95 -1.85 -11.08
C GLY A 101 17.31 -1.20 -11.25
N THR A 102 18.38 -1.95 -11.01
CA THR A 102 19.72 -1.41 -11.05
C THR A 102 20.62 -2.39 -11.79
N THR A 103 21.82 -1.92 -12.13
CA THR A 103 22.89 -2.85 -12.46
C THR A 103 23.30 -3.63 -11.23
N GLU A 104 24.03 -4.74 -11.42
CA GLU A 104 24.51 -5.52 -10.28
C GLU A 104 25.45 -4.66 -9.44
N ALA A 105 26.26 -3.80 -10.09
CA ALA A 105 27.21 -2.98 -9.36
C ALA A 105 26.47 -2.02 -8.40
N ASN A 106 25.26 -1.57 -8.76
CA ASN A 106 24.56 -0.56 -7.97
C ASN A 106 23.44 -1.17 -7.11
N ALA A 107 23.37 -2.48 -7.02
CA ALA A 107 22.28 -3.15 -6.30
C ALA A 107 22.25 -2.81 -4.81
N TRP A 108 23.40 -2.49 -4.23
CA TRP A 108 23.47 -2.09 -2.83
C TRP A 108 22.63 -0.86 -2.55
N GLU A 109 22.41 -0.02 -3.58
CA GLU A 109 21.68 1.25 -3.42
C GLU A 109 20.30 1.18 -4.08
N SER A 110 19.72 -0.03 -4.22
CA SER A 110 18.50 -0.21 -4.98
C SER A 110 17.21 -0.01 -4.18
N THR A 111 17.24 0.03 -2.84
CA THR A 111 16.02 -0.12 -2.05
C THR A 111 15.90 1.02 -1.02
N LEU A 112 14.80 1.78 -1.13
CA LEU A 112 14.41 2.78 -0.14
C LEU A 112 13.46 2.13 0.87
N VAL A 113 13.49 2.65 2.09
CA VAL A 113 12.57 2.22 3.14
C VAL A 113 11.93 3.46 3.74
N GLY A 114 10.65 3.30 4.06
CA GLY A 114 9.91 4.34 4.74
C GLY A 114 8.67 3.81 5.43
N HIS A 115 7.83 4.78 5.86
CA HIS A 115 6.62 4.45 6.59
C HIS A 115 5.51 5.42 6.18
N ASP A 116 4.33 4.85 5.95
CA ASP A 116 3.13 5.61 5.60
C ASP A 116 2.02 5.26 6.59
N THR A 117 1.24 6.28 7.00
CA THR A 117 0.04 6.05 7.75
C THR A 117 -1.14 6.55 6.92
N PHE A 118 -2.11 5.68 6.72
CA PHE A 118 -3.31 5.98 5.93
C PHE A 118 -4.48 6.16 6.87
N THR A 119 -5.29 7.17 6.53
CA THR A 119 -6.57 7.40 7.20
C THR A 119 -7.65 7.53 6.14
N LYS A 120 -8.90 7.52 6.65
CA LYS A 120 -10.08 7.58 5.81
C LYS A 120 -10.45 9.02 5.46
N VAL A 121 -9.81 10.01 6.10
CA VAL A 121 -9.95 11.40 5.71
C VAL A 121 -8.57 11.97 5.39
N LYS A 122 -8.50 12.90 4.44
CA LYS A 122 -7.23 13.54 4.08
C LYS A 122 -6.95 14.66 5.10
#